data_6UPQ
#
_entry.id   6UPQ
#
_cell.length_a   56.654
_cell.length_b   81.859
_cell.length_c   68.221
_cell.angle_alpha   90.000
_cell.angle_beta   97.130
_cell.angle_gamma   90.000
#
_symmetry.space_group_name_H-M   'P 1 21 1'
#
loop_
_entity.id
_entity.type
_entity.pdbx_description
1 polymer Septin-2
2 polymer Septin-11
3 non-polymer "GUANOSINE-5'-DIPHOSPHATE"
4 non-polymer "GUANOSINE-5'-TRIPHOSPHATE"
5 non-polymer 'MAGNESIUM ION'
6 water water
#
loop_
_entity_poly.entity_id
_entity_poly.type
_entity_poly.pdbx_seq_one_letter_code
_entity_poly.pdbx_strand_id
1 'polypeptide(L)'
;MFEFTLMVVGESGLGKSTLINSLFLTDLYPERVIPGAAEKIERTVQIEASTVEIEERGVKLRLTVVDTPGYGDAINCRDC
FKTIISYIDEQFERYLHDESGLNRRHIIDNRVHCCFYFISPFGHGLKPLDVAFMKAIHNKVNIVPVIAKADTLTLKERER
LKKRILDEIEEHNIKIYHLPDAESDEDEDFKEQTRLLKASIPFSVVGSNQLIEAKGKKVRGRLYPWGVVEVENPEHNDFL
KLRTMLITHMQDLQEVTQDLHYENFRSERLKRGG
;
A
2 'polypeptide(L)'
;MGSSHHHHHHSQDPNSSSARLQVDKLFCFNILCVGETGIGKSTLMDTLFNTKFESDPATHNEPGVRLKARSYELQESNVR
LKLTIVDTVGFGDQINKDDSYKPIVEYIDAQFEAYLQEELKIKRSLFNYHDTRIHACLYFIAPTGHSLKSLDLVTMKKLD
SKVNIIPIIAKADTIAKNELHKFKSKIMSELVSNGVQIYQFPTDEETVAEINATMSVHLPFAVVGSTEEVKIGNKMAKAR
QYPWGVVQVENENHCDFVKLREMLIRVNMEDLREQTHTRHYELYRRCKLEEMG
;
B
#
loop_
_chem_comp.id
_chem_comp.type
_chem_comp.name
_chem_comp.formula
GDP RNA linking GUANOSINE-5'-DIPHOSPHATE 'C10 H15 N5 O11 P2'
GTP non-polymer GUANOSINE-5'-TRIPHOSPHATE 'C10 H16 N5 O14 P3'
MG non-polymer 'MAGNESIUM ION' 'Mg 2'
#
# COMPACT_ATOMS: atom_id res chain seq x y z
N PHE A 2 -16.83 30.56 8.74
CA PHE A 2 -16.46 29.46 9.64
C PHE A 2 -15.20 28.77 9.17
N GLU A 3 -14.40 28.31 10.13
CA GLU A 3 -13.14 27.63 9.87
C GLU A 3 -13.29 26.14 10.12
N PHE A 4 -12.67 25.34 9.26
CA PHE A 4 -12.67 23.89 9.39
C PHE A 4 -11.26 23.38 9.20
N THR A 5 -10.82 22.49 10.08
CA THR A 5 -9.47 21.94 10.04
C THR A 5 -9.55 20.43 9.82
N LEU A 6 -8.94 19.98 8.72
CA LEU A 6 -8.95 18.58 8.31
C LEU A 6 -7.52 18.04 8.35
N MET A 7 -7.29 17.02 9.17
CA MET A 7 -6.00 16.36 9.24
C MET A 7 -5.99 15.16 8.30
N VAL A 8 -4.84 14.91 7.67
CA VAL A 8 -4.65 13.84 6.70
C VAL A 8 -3.47 13.00 7.17
N VAL A 9 -3.69 11.69 7.36
CA VAL A 9 -2.65 10.76 7.81
C VAL A 9 -2.74 9.50 6.97
N GLY A 10 -1.58 8.97 6.57
CA GLY A 10 -1.54 7.71 5.86
C GLY A 10 -0.17 7.47 5.26
N GLU A 11 0.14 6.21 4.97
CA GLU A 11 1.40 5.87 4.32
C GLU A 11 1.61 6.73 3.08
N SER A 12 2.86 7.13 2.86
CA SER A 12 3.21 7.85 1.65
C SER A 12 2.84 7.03 0.43
N GLY A 13 2.43 7.73 -0.63
CA GLY A 13 2.15 7.06 -1.89
C GLY A 13 0.78 6.44 -2.02
N LEU A 14 -0.17 6.79 -1.15
CA LEU A 14 -1.53 6.28 -1.26
C LEU A 14 -2.46 7.25 -1.98
N GLY A 15 -1.90 8.20 -2.72
CA GLY A 15 -2.72 9.16 -3.44
C GLY A 15 -3.39 10.21 -2.58
N LYS A 16 -2.84 10.48 -1.40
CA LYS A 16 -3.52 11.38 -0.46
C LYS A 16 -3.54 12.81 -0.98
N SER A 17 -2.40 13.33 -1.43
CA SER A 17 -2.38 14.70 -1.94
C SER A 17 -3.27 14.83 -3.17
N THR A 18 -3.32 13.79 -4.00
CA THR A 18 -4.17 13.83 -5.19
C THR A 18 -5.65 13.87 -4.81
N LEU A 19 -6.06 13.07 -3.83
CA LEU A 19 -7.46 13.09 -3.41
C LEU A 19 -7.82 14.43 -2.77
N ILE A 20 -6.95 14.94 -1.90
CA ILE A 20 -7.23 16.20 -1.22
C ILE A 20 -7.42 17.32 -2.22
N ASN A 21 -6.53 17.40 -3.21
CA ASN A 21 -6.68 18.42 -4.24
C ASN A 21 -7.91 18.20 -5.09
N SER A 22 -8.34 16.94 -5.26
CA SER A 22 -9.56 16.66 -6.01
C SER A 22 -10.79 17.17 -5.28
N LEU A 23 -10.80 17.11 -3.95
CA LEU A 23 -12.00 17.48 -3.20
C LEU A 23 -12.36 18.94 -3.41
N PHE A 24 -11.36 19.82 -3.42
CA PHE A 24 -11.61 21.26 -3.41
C PHE A 24 -11.03 21.98 -4.63
N LEU A 25 -10.51 21.24 -5.61
CA LEU A 25 -9.89 21.83 -6.80
C LEU A 25 -8.79 22.81 -6.40
N THR A 26 -7.90 22.36 -5.53
CA THR A 26 -6.82 23.16 -4.99
C THR A 26 -5.48 22.69 -5.53
N ASP A 27 -4.42 23.35 -5.07
CA ASP A 27 -3.04 22.99 -5.39
C ASP A 27 -2.21 23.25 -4.13
N LEU A 28 -2.38 22.38 -3.14
CA LEU A 28 -1.79 22.59 -1.83
C LEU A 28 -0.33 22.17 -1.74
N TYR A 29 0.19 21.45 -2.72
CA TYR A 29 1.53 20.86 -2.62
C TYR A 29 2.41 21.22 -3.82
N PRO A 30 2.45 22.50 -4.23
CA PRO A 30 3.20 22.84 -5.45
C PRO A 30 4.69 22.59 -5.33
N GLU A 31 5.26 22.75 -4.14
CA GLU A 31 6.71 22.62 -3.95
C GLU A 31 7.08 21.37 -3.16
N ARG A 32 6.17 20.41 -3.04
CA ARG A 32 6.45 19.20 -2.27
C ARG A 32 7.58 18.41 -2.91
N VAL A 33 8.51 17.95 -2.08
CA VAL A 33 9.61 17.09 -2.52
C VAL A 33 9.44 15.75 -1.82
N ILE A 34 9.41 14.68 -2.62
CA ILE A 34 9.34 13.32 -2.09
C ILE A 34 10.78 12.84 -1.87
N PRO A 35 11.16 12.46 -0.65
CA PRO A 35 12.54 12.04 -0.41
C PRO A 35 12.82 10.66 -0.98
N GLY A 36 14.10 10.42 -1.28
CA GLY A 36 14.53 9.13 -1.74
C GLY A 36 14.49 8.09 -0.62
N ALA A 37 14.61 6.83 -1.03
CA ALA A 37 14.49 5.73 -0.07
C ALA A 37 15.51 5.85 1.06
N ALA A 38 16.75 6.20 0.73
CA ALA A 38 17.79 6.30 1.76
C ALA A 38 17.45 7.40 2.76
N GLU A 39 16.84 8.49 2.30
CA GLU A 39 16.44 9.56 3.19
C GLU A 39 15.24 9.16 4.06
N LYS A 40 14.45 8.18 3.63
CA LYS A 40 13.27 7.80 4.39
C LYS A 40 13.57 6.80 5.50
N ILE A 41 14.79 6.28 5.59
CA ILE A 41 15.11 5.24 6.56
C ILE A 41 14.84 5.72 7.98
N GLU A 42 15.21 6.96 8.30
CA GLU A 42 15.01 7.52 9.65
C GLU A 42 14.23 8.82 9.59
N ARG A 43 13.27 8.93 8.67
CA ARG A 43 12.54 10.18 8.51
C ARG A 43 11.57 10.42 9.66
N THR A 44 11.50 11.67 10.13
CA THR A 44 10.62 12.09 11.20
CA THR A 44 10.61 12.04 11.20
C THR A 44 9.33 12.66 10.63
N VAL A 45 8.25 12.54 11.40
CA VAL A 45 6.97 13.11 11.00
C VAL A 45 7.00 14.61 11.26
N GLN A 46 6.62 15.40 10.24
CA GLN A 46 6.48 16.84 10.38
C GLN A 46 5.03 17.23 10.13
N ILE A 47 4.61 18.33 10.76
CA ILE A 47 3.27 18.87 10.56
C ILE A 47 3.35 19.97 9.52
N GLU A 48 2.48 19.91 8.51
CA GLU A 48 2.39 20.98 7.52
C GLU A 48 0.94 21.37 7.35
N ALA A 49 0.65 22.66 7.47
CA ALA A 49 -0.72 23.16 7.46
C ALA A 49 -0.88 24.13 6.31
N SER A 50 -1.86 23.87 5.45
CA SER A 50 -2.19 24.75 4.34
C SER A 50 -3.62 25.23 4.53
N THR A 51 -3.83 26.54 4.39
CA THR A 51 -5.13 27.15 4.56
C THR A 51 -5.56 27.81 3.26
N VAL A 52 -6.77 27.49 2.81
CA VAL A 52 -7.33 28.07 1.59
C VAL A 52 -8.76 28.50 1.84
N GLU A 53 -9.26 29.38 0.98
CA GLU A 53 -10.64 29.82 1.00
C GLU A 53 -11.45 28.96 0.03
N ILE A 54 -12.50 28.32 0.52
CA ILE A 54 -13.36 27.48 -0.29
C ILE A 54 -14.75 28.09 -0.31
N GLU A 55 -15.32 28.23 -1.50
CA GLU A 55 -16.66 28.78 -1.70
C GLU A 55 -17.52 27.73 -2.39
N GLU A 56 -17.85 26.66 -1.67
CA GLU A 56 -18.70 25.63 -2.22
C GLU A 56 -20.15 26.08 -2.19
N ARG A 57 -20.84 25.94 -3.33
CA ARG A 57 -22.18 26.49 -3.52
C ARG A 57 -22.12 28.00 -3.30
N GLY A 58 -22.74 28.49 -2.23
CA GLY A 58 -22.73 29.91 -1.97
C GLY A 58 -22.08 30.31 -0.65
N VAL A 59 -21.58 29.32 0.08
CA VAL A 59 -21.00 29.55 1.41
C VAL A 59 -19.47 29.50 1.29
N LYS A 60 -18.82 30.50 1.87
CA LYS A 60 -17.36 30.59 1.89
C LYS A 60 -16.84 30.14 3.25
N LEU A 61 -15.72 29.43 3.24
CA LEU A 61 -15.18 28.85 4.47
C LEU A 61 -13.66 28.75 4.39
N ARG A 62 -13.02 28.91 5.54
CA ARG A 62 -11.57 28.78 5.66
C ARG A 62 -11.22 27.33 5.96
N LEU A 63 -10.69 26.63 4.96
CA LEU A 63 -10.28 25.24 5.12
C LEU A 63 -8.79 25.17 5.42
N THR A 64 -8.43 24.50 6.51
CA THR A 64 -7.05 24.22 6.83
C THR A 64 -6.83 22.71 6.71
N VAL A 65 -5.91 22.32 5.85
CA VAL A 65 -5.52 20.92 5.70
C VAL A 65 -4.20 20.72 6.42
N VAL A 66 -4.20 19.84 7.41
CA VAL A 66 -3.01 19.56 8.21
C VAL A 66 -2.47 18.22 7.75
N ASP A 67 -1.37 18.25 7.01
CA ASP A 67 -0.73 17.05 6.53
C ASP A 67 0.38 16.61 7.48
N THR A 68 0.71 15.33 7.41
CA THR A 68 1.68 14.72 8.32
C THR A 68 2.76 13.99 7.51
N PRO A 69 3.50 14.70 6.67
CA PRO A 69 4.52 14.04 5.85
C PRO A 69 5.57 13.35 6.71
N GLY A 70 5.97 12.15 6.30
CA GLY A 70 6.89 11.33 7.05
C GLY A 70 6.22 10.19 7.79
N TYR A 71 4.92 10.27 8.03
CA TYR A 71 4.19 9.19 8.69
C TYR A 71 4.40 7.88 7.95
N GLY A 72 4.92 6.89 8.66
CA GLY A 72 5.10 5.56 8.12
C GLY A 72 6.33 5.36 7.26
N ASP A 73 7.15 6.40 7.06
CA ASP A 73 8.28 6.26 6.15
C ASP A 73 9.43 5.49 6.79
N ALA A 74 9.72 5.74 8.06
CA ALA A 74 10.92 5.19 8.69
C ALA A 74 10.84 3.68 8.84
N ILE A 75 12.03 3.05 8.89
CA ILE A 75 12.10 1.62 9.18
C ILE A 75 11.46 1.32 10.53
N ASN A 76 11.77 2.12 11.53
CA ASN A 76 11.25 1.93 12.87
C ASN A 76 10.30 3.08 13.17
N CYS A 77 9.00 2.81 13.06
CA CYS A 77 7.95 3.82 13.23
C CYS A 77 7.46 3.92 14.67
N ARG A 78 8.36 3.89 15.64
CA ARG A 78 7.95 3.88 17.05
C ARG A 78 7.28 5.20 17.44
N ASP A 79 7.98 6.33 17.24
CA ASP A 79 7.46 7.63 17.61
C ASP A 79 6.82 8.36 16.44
N CYS A 80 6.26 7.62 15.48
CA CYS A 80 5.53 8.23 14.38
C CYS A 80 4.21 8.86 14.83
N PHE A 81 3.83 8.73 16.11
CA PHE A 81 2.58 9.30 16.59
C PHE A 81 2.77 10.50 17.51
N LYS A 82 3.95 10.65 18.11
CA LYS A 82 4.14 11.66 19.15
C LYS A 82 3.88 13.06 18.62
N THR A 83 4.46 13.39 17.46
CA THR A 83 4.32 14.74 16.92
C THR A 83 2.87 15.03 16.51
N ILE A 84 2.18 14.04 15.95
CA ILE A 84 0.78 14.22 15.59
C ILE A 84 -0.08 14.40 16.83
N ILE A 85 0.09 13.49 17.80
CA ILE A 85 -0.69 13.59 19.04
C ILE A 85 -0.43 14.91 19.74
N SER A 86 0.84 15.33 19.80
CA SER A 86 1.17 16.59 20.45
C SER A 86 0.53 17.78 19.74
N TYR A 87 0.43 17.73 18.41
CA TYR A 87 -0.20 18.83 17.69
C TYR A 87 -1.69 18.91 18.01
N ILE A 88 -2.37 17.77 18.04
CA ILE A 88 -3.80 17.75 18.35
C ILE A 88 -4.05 18.29 19.75
N ASP A 89 -3.29 17.79 20.74
CA ASP A 89 -3.48 18.25 22.11
C ASP A 89 -3.11 19.72 22.26
N GLU A 90 -2.12 20.20 21.50
CA GLU A 90 -1.73 21.60 21.61
C GLU A 90 -2.86 22.52 21.17
N GLN A 91 -3.59 22.16 20.13
CA GLN A 91 -4.72 22.98 19.69
C GLN A 91 -5.81 23.02 20.76
N PHE A 92 -6.08 21.87 21.40
CA PHE A 92 -6.96 21.86 22.56
C PHE A 92 -6.44 22.79 23.66
N GLU A 93 -5.12 22.76 23.88
CA GLU A 93 -4.53 23.57 24.93
C GLU A 93 -4.71 25.05 24.64
N ARG A 94 -4.45 25.47 23.40
CA ARG A 94 -4.58 26.87 23.04
C ARG A 94 -6.02 27.34 23.14
N TYR A 95 -6.97 26.50 22.72
CA TYR A 95 -8.37 26.89 22.82
C TYR A 95 -8.78 27.05 24.27
N LEU A 96 -8.35 26.14 25.14
CA LEU A 96 -8.70 26.22 26.55
C LEU A 96 -8.18 27.51 27.18
N HIS A 97 -6.94 27.88 26.87
CA HIS A 97 -6.40 29.15 27.36
C HIS A 97 -7.18 30.33 26.79
N ASP A 98 -7.56 30.25 25.51
CA ASP A 98 -8.22 31.39 24.87
C ASP A 98 -9.64 31.57 25.37
N GLU A 99 -10.37 30.47 25.59
CA GLU A 99 -11.74 30.61 26.08
C GLU A 99 -11.79 30.92 27.58
N SER A 100 -10.72 30.67 28.32
CA SER A 100 -10.65 31.05 29.72
C SER A 100 -10.16 32.47 29.92
N GLY A 101 -9.62 33.11 28.88
CA GLY A 101 -9.08 34.45 29.01
C GLY A 101 -10.12 35.52 28.77
N LEU A 102 -9.67 36.77 28.84
CA LEU A 102 -10.53 37.93 28.65
C LEU A 102 -10.67 38.34 27.19
N ASN A 103 -9.81 37.83 26.30
CA ASN A 103 -9.91 38.11 24.88
C ASN A 103 -10.69 37.04 24.13
N ARG A 104 -11.79 36.56 24.73
CA ARG A 104 -12.60 35.51 24.13
C ARG A 104 -13.22 35.93 22.81
N ARG A 105 -13.25 37.24 22.51
CA ARG A 105 -13.94 37.71 21.32
C ARG A 105 -13.23 37.31 20.03
N HIS A 106 -11.90 37.22 20.05
CA HIS A 106 -11.14 36.95 18.83
C HIS A 106 -10.43 35.61 18.87
N ILE A 107 -11.12 34.56 19.31
CA ILE A 107 -10.50 33.24 19.41
C ILE A 107 -10.40 32.62 18.03
N ILE A 108 -9.20 32.18 17.66
CA ILE A 108 -8.99 31.40 16.45
C ILE A 108 -9.03 29.93 16.84
N ASP A 109 -10.06 29.21 16.39
CA ASP A 109 -10.20 27.80 16.67
C ASP A 109 -9.31 27.00 15.71
N ASN A 110 -8.23 26.43 16.23
CA ASN A 110 -7.34 25.58 15.45
C ASN A 110 -7.48 24.10 15.79
N ARG A 111 -8.49 23.74 16.58
CA ARG A 111 -8.71 22.34 16.89
C ARG A 111 -8.98 21.54 15.62
N VAL A 112 -8.53 20.30 15.61
CA VAL A 112 -8.68 19.44 14.44
C VAL A 112 -10.06 18.82 14.46
N HIS A 113 -10.84 19.10 13.40
CA HIS A 113 -12.25 18.71 13.38
C HIS A 113 -12.48 17.35 12.76
N CYS A 114 -11.51 16.83 12.02
CA CYS A 114 -11.67 15.58 11.29
C CYS A 114 -10.29 15.10 10.87
N CYS A 115 -10.12 13.78 10.86
CA CYS A 115 -8.89 13.14 10.40
C CYS A 115 -9.24 12.09 9.36
N PHE A 116 -8.86 12.33 8.11
CA PHE A 116 -8.90 11.30 7.08
C PHE A 116 -7.74 10.36 7.32
N TYR A 117 -8.02 9.10 7.67
CA TYR A 117 -6.97 8.10 7.75
C TYR A 117 -7.04 7.23 6.50
N PHE A 118 -6.01 7.30 5.67
CA PHE A 118 -5.97 6.55 4.43
C PHE A 118 -5.40 5.16 4.68
N ILE A 119 -6.18 4.14 4.32
CA ILE A 119 -5.84 2.74 4.49
C ILE A 119 -5.39 2.18 3.14
N SER A 120 -4.30 1.42 3.16
CA SER A 120 -3.80 0.86 1.91
C SER A 120 -4.77 -0.20 1.39
N PRO A 121 -5.04 -0.21 0.08
CA PRO A 121 -5.81 -1.31 -0.52
C PRO A 121 -4.98 -2.52 -0.89
N PHE A 122 -3.67 -2.48 -0.65
CA PHE A 122 -2.77 -3.51 -1.15
C PHE A 122 -2.65 -4.72 -0.23
N GLY A 123 -3.00 -4.58 1.05
CA GLY A 123 -2.98 -5.68 1.98
C GLY A 123 -4.31 -6.40 2.07
N HIS A 124 -4.49 -7.16 3.14
CA HIS A 124 -5.75 -7.82 3.41
C HIS A 124 -6.67 -7.02 4.32
N GLY A 125 -6.11 -6.07 5.07
CA GLY A 125 -6.89 -5.32 6.03
C GLY A 125 -6.02 -4.32 6.75
N LEU A 126 -6.50 -3.90 7.93
CA LEU A 126 -5.74 -2.96 8.74
C LEU A 126 -4.41 -3.58 9.17
N LYS A 127 -3.38 -2.76 9.20
CA LYS A 127 -2.06 -3.13 9.66
C LYS A 127 -1.85 -2.66 11.09
N PRO A 128 -0.93 -3.28 11.83
CA PRO A 128 -0.67 -2.84 13.21
C PRO A 128 -0.45 -1.34 13.35
N LEU A 129 0.22 -0.69 12.39
CA LEU A 129 0.41 0.75 12.47
C LEU A 129 -0.93 1.49 12.40
N ASP A 130 -1.81 1.05 11.49
CA ASP A 130 -3.13 1.67 11.35
C ASP A 130 -3.92 1.58 12.64
N VAL A 131 -3.93 0.38 13.25
CA VAL A 131 -4.70 0.17 14.48
C VAL A 131 -4.16 1.04 15.60
N ALA A 132 -2.83 1.05 15.77
CA ALA A 132 -2.23 1.77 16.88
C ALA A 132 -2.45 3.28 16.74
N PHE A 133 -2.33 3.82 15.53
CA PHE A 133 -2.54 5.25 15.36
C PHE A 133 -3.99 5.63 15.65
N MET A 134 -4.94 4.86 15.13
CA MET A 134 -6.34 5.19 15.36
C MET A 134 -6.69 5.07 16.83
N LYS A 135 -6.18 4.04 17.51
CA LYS A 135 -6.41 3.94 18.94
C LYS A 135 -5.73 5.06 19.71
N ALA A 136 -4.68 5.65 19.14
CA ALA A 136 -3.98 6.74 19.80
C ALA A 136 -4.72 8.07 19.67
N ILE A 137 -5.56 8.24 18.66
CA ILE A 137 -6.23 9.51 18.44
C ILE A 137 -7.75 9.40 18.49
N HIS A 138 -8.34 8.21 18.59
CA HIS A 138 -9.78 8.11 18.41
C HIS A 138 -10.57 8.81 19.50
N ASN A 139 -9.96 9.10 20.65
CA ASN A 139 -10.60 9.87 21.70
C ASN A 139 -10.29 11.36 21.60
N LYS A 140 -9.60 11.78 20.53
CA LYS A 140 -9.21 13.17 20.35
C LYS A 140 -9.73 13.80 19.08
N VAL A 141 -10.03 13.01 18.04
CA VAL A 141 -10.44 13.56 16.75
CA VAL A 141 -10.40 13.53 16.72
C VAL A 141 -11.47 12.63 16.12
N ASN A 142 -12.27 13.20 15.21
CA ASN A 142 -13.24 12.44 14.42
C ASN A 142 -12.50 11.72 13.30
N ILE A 143 -12.37 10.39 13.41
CA ILE A 143 -11.67 9.59 12.41
C ILE A 143 -12.62 9.24 11.28
N VAL A 144 -12.20 9.53 10.06
CA VAL A 144 -12.87 9.07 8.85
C VAL A 144 -11.91 8.15 8.11
N PRO A 145 -12.12 6.84 8.16
CA PRO A 145 -11.22 5.92 7.45
C PRO A 145 -11.54 5.90 5.97
N VAL A 146 -10.49 5.93 5.15
CA VAL A 146 -10.63 6.02 3.71
C VAL A 146 -9.76 4.95 3.06
N ILE A 147 -10.35 4.18 2.16
CA ILE A 147 -9.61 3.19 1.38
C ILE A 147 -9.04 3.91 0.16
N ALA A 148 -7.72 4.00 0.10
CA ALA A 148 -7.04 4.72 -0.96
C ALA A 148 -6.98 3.88 -2.23
N LYS A 149 -6.79 4.57 -3.36
CA LYS A 149 -6.56 3.96 -4.67
C LYS A 149 -7.54 2.81 -4.93
N ALA A 150 -8.83 3.14 -4.81
CA ALA A 150 -9.87 2.12 -4.91
C ALA A 150 -9.93 1.46 -6.27
N ASP A 151 -9.30 2.04 -7.30
CA ASP A 151 -9.31 1.43 -8.62
C ASP A 151 -8.33 0.26 -8.73
N THR A 152 -7.69 -0.12 -7.64
CA THR A 152 -6.90 -1.34 -7.57
C THR A 152 -7.73 -2.55 -7.16
N LEU A 153 -9.01 -2.34 -6.82
CA LEU A 153 -9.86 -3.38 -6.27
C LEU A 153 -11.01 -3.66 -7.23
N THR A 154 -11.23 -4.94 -7.52
CA THR A 154 -12.50 -5.32 -8.13
C THR A 154 -13.63 -5.09 -7.13
N LEU A 155 -14.86 -5.22 -7.61
CA LEU A 155 -16.00 -5.03 -6.71
C LEU A 155 -15.96 -6.03 -5.56
N LYS A 156 -15.69 -7.31 -5.87
CA LYS A 156 -15.65 -8.33 -4.81
C LYS A 156 -14.51 -8.08 -3.84
N GLU A 157 -13.34 -7.70 -4.35
CA GLU A 157 -12.22 -7.34 -3.47
C GLU A 157 -12.56 -6.14 -2.61
N ARG A 158 -13.26 -5.16 -3.19
CA ARG A 158 -13.65 -3.97 -2.46
C ARG A 158 -14.63 -4.30 -1.35
N GLU A 159 -15.67 -5.09 -1.66
CA GLU A 159 -16.61 -5.50 -0.64
C GLU A 159 -15.92 -6.28 0.47
N ARG A 160 -14.96 -7.14 0.10
CA ARG A 160 -14.27 -7.96 1.09
C ARG A 160 -13.40 -7.10 2.01
N LEU A 161 -12.71 -6.10 1.45
CA LEU A 161 -11.85 -5.26 2.27
C LEU A 161 -12.66 -4.35 3.19
N LYS A 162 -13.76 -3.77 2.69
CA LYS A 162 -14.60 -2.93 3.53
C LYS A 162 -15.16 -3.72 4.71
N LYS A 163 -15.64 -4.93 4.44
CA LYS A 163 -16.22 -5.75 5.48
C LYS A 163 -15.19 -6.12 6.54
N ARG A 164 -13.95 -6.38 6.11
CA ARG A 164 -12.90 -6.72 7.06
C ARG A 164 -12.45 -5.52 7.87
N ILE A 165 -12.33 -4.35 7.24
CA ILE A 165 -11.96 -3.14 7.97
C ILE A 165 -13.00 -2.83 9.06
N LEU A 166 -14.28 -2.99 8.73
CA LEU A 166 -15.32 -2.76 9.72
C LEU A 166 -15.24 -3.76 10.86
N ASP A 167 -14.96 -5.02 10.55
CA ASP A 167 -14.81 -6.04 11.59
C ASP A 167 -13.63 -5.72 12.50
N GLU A 168 -12.53 -5.25 11.92
CA GLU A 168 -11.33 -5.01 12.72
C GLU A 168 -11.49 -3.76 13.58
N ILE A 169 -12.14 -2.72 13.06
CA ILE A 169 -12.48 -1.56 13.88
C ILE A 169 -13.26 -1.98 15.11
N GLU A 170 -14.24 -2.88 14.94
CA GLU A 170 -15.00 -3.36 16.09
C GLU A 170 -14.16 -4.26 16.98
N GLU A 171 -13.33 -5.12 16.37
CA GLU A 171 -12.49 -6.01 17.17
C GLU A 171 -11.55 -5.24 18.06
N HIS A 172 -10.98 -4.14 17.56
CA HIS A 172 -10.03 -3.34 18.30
C HIS A 172 -10.67 -2.17 19.05
N ASN A 173 -12.00 -2.11 19.07
CA ASN A 173 -12.73 -1.08 19.82
C ASN A 173 -12.32 0.33 19.40
N ILE A 174 -12.12 0.52 18.11
CA ILE A 174 -11.77 1.82 17.55
C ILE A 174 -13.06 2.62 17.36
N LYS A 175 -13.03 3.87 17.81
CA LYS A 175 -14.17 4.77 17.67
C LYS A 175 -13.92 5.69 16.48
N ILE A 176 -14.63 5.46 15.39
CA ILE A 176 -14.57 6.34 14.24
C ILE A 176 -15.79 7.26 14.28
N TYR A 177 -15.78 8.27 13.41
CA TYR A 177 -16.89 9.21 13.36
C TYR A 177 -18.14 8.52 12.81
N HIS A 178 -19.26 8.71 13.49
CA HIS A 178 -20.53 8.14 13.07
C HIS A 178 -21.45 9.27 12.62
N LEU A 179 -22.03 9.10 11.44
CA LEU A 179 -22.91 10.13 10.90
C LEU A 179 -24.17 10.21 11.76
N PRO A 180 -24.73 11.40 11.95
CA PRO A 180 -25.98 11.51 12.71
C PRO A 180 -27.11 10.78 11.98
N ASP A 181 -27.98 10.16 12.76
CA ASP A 181 -29.15 9.51 12.17
C ASP A 181 -30.12 10.57 11.66
N ALA A 182 -30.76 10.27 10.52
CA ALA A 182 -31.68 11.21 9.91
C ALA A 182 -32.96 11.32 10.73
N GLU A 183 -33.39 12.56 10.99
CA GLU A 183 -34.59 12.78 11.76
C GLU A 183 -35.84 12.38 10.97
N SER A 184 -36.95 12.20 11.69
CA SER A 184 -38.18 11.77 11.07
C SER A 184 -38.82 12.90 10.25
N ASP A 185 -38.61 14.15 10.66
CA ASP A 185 -39.20 15.28 9.94
C ASP A 185 -38.56 15.49 8.57
N GLU A 186 -37.35 14.98 8.37
CA GLU A 186 -36.70 15.10 7.06
C GLU A 186 -37.38 14.19 6.04
N ASP A 187 -37.39 14.64 4.79
CA ASP A 187 -38.10 13.92 3.75
C ASP A 187 -37.41 12.58 3.42
N GLU A 188 -38.08 11.79 2.60
CA GLU A 188 -37.64 10.42 2.35
C GLU A 188 -36.29 10.38 1.65
N ASP A 189 -36.09 11.23 0.64
CA ASP A 189 -34.87 11.18 -0.15
C ASP A 189 -33.66 11.75 0.58
N PHE A 190 -33.85 12.35 1.75
CA PHE A 190 -32.72 12.68 2.62
C PHE A 190 -32.39 11.55 3.58
N LYS A 191 -33.41 10.87 4.10
CA LYS A 191 -33.17 9.71 4.95
C LYS A 191 -32.47 8.59 4.19
N GLU A 192 -32.87 8.37 2.93
CA GLU A 192 -32.17 7.40 2.09
C GLU A 192 -30.77 7.87 1.74
N GLN A 193 -30.56 9.19 1.65
CA GLN A 193 -29.22 9.71 1.42
C GLN A 193 -28.29 9.40 2.58
N THR A 194 -28.75 9.66 3.81
CA THR A 194 -27.96 9.30 4.99
C THR A 194 -27.70 7.81 5.04
N ARG A 195 -28.69 7.00 4.64
CA ARG A 195 -28.52 5.55 4.68
C ARG A 195 -27.47 5.09 3.66
N LEU A 196 -27.50 5.67 2.45
CA LEU A 196 -26.54 5.27 1.42
C LEU A 196 -25.12 5.64 1.81
N LEU A 197 -24.92 6.83 2.38
CA LEU A 197 -23.59 7.22 2.85
C LEU A 197 -23.10 6.26 3.92
N LYS A 198 -23.95 5.98 4.92
CA LYS A 198 -23.55 5.10 6.01
C LYS A 198 -23.17 3.71 5.51
N ALA A 199 -23.87 3.24 4.47
CA ALA A 199 -23.65 1.87 4.00
C ALA A 199 -22.32 1.72 3.27
N SER A 200 -21.73 2.81 2.78
CA SER A 200 -20.50 2.77 2.01
C SER A 200 -19.26 3.00 2.86
N ILE A 201 -19.41 3.32 4.14
CA ILE A 201 -18.27 3.47 5.03
C ILE A 201 -17.61 2.10 5.23
N PRO A 202 -16.27 1.98 5.13
CA PRO A 202 -15.34 3.07 4.79
C PRO A 202 -15.29 3.38 3.30
N PHE A 203 -15.31 4.66 2.97
CA PHE A 203 -15.33 5.09 1.57
C PHE A 203 -14.06 4.64 0.85
N SER A 204 -14.22 4.08 -0.34
CA SER A 204 -13.11 3.66 -1.18
C SER A 204 -13.05 4.60 -2.37
N VAL A 205 -12.00 5.41 -2.45
CA VAL A 205 -12.02 6.59 -3.30
C VAL A 205 -10.92 6.55 -4.34
N VAL A 206 -11.13 7.31 -5.40
CA VAL A 206 -10.15 7.56 -6.45
C VAL A 206 -10.00 9.06 -6.61
N GLY A 207 -8.77 9.53 -6.77
CA GLY A 207 -8.54 10.93 -7.05
C GLY A 207 -7.76 11.11 -8.33
N SER A 208 -7.84 12.30 -8.95
CA SER A 208 -7.10 12.53 -10.18
C SER A 208 -6.99 14.02 -10.45
N ASN A 209 -5.83 14.43 -10.95
CA ASN A 209 -5.60 15.77 -11.49
C ASN A 209 -5.58 15.76 -13.01
N GLN A 210 -6.10 14.71 -13.64
CA GLN A 210 -6.03 14.55 -15.08
C GLN A 210 -7.42 14.55 -15.70
N LEU A 211 -7.55 15.21 -16.85
CA LEU A 211 -8.75 15.14 -17.67
C LEU A 211 -8.61 14.00 -18.66
N ILE A 212 -9.58 13.09 -18.66
CA ILE A 212 -9.58 11.97 -19.58
C ILE A 212 -10.85 11.99 -20.41
N GLU A 213 -10.99 11.05 -21.33
CA GLU A 213 -12.16 10.95 -22.20
C GLU A 213 -13.07 9.84 -21.66
N ALA A 214 -14.07 10.24 -20.87
CA ALA A 214 -15.16 9.34 -20.50
C ALA A 214 -16.23 9.49 -21.57
N LYS A 215 -15.97 8.82 -22.71
CA LYS A 215 -16.64 8.96 -24.00
C LYS A 215 -17.81 9.95 -24.03
N GLY A 216 -17.59 11.10 -24.65
CA GLY A 216 -18.58 12.14 -24.76
C GLY A 216 -18.22 13.41 -24.01
N LYS A 217 -17.25 13.35 -23.10
CA LYS A 217 -16.97 14.49 -22.24
C LYS A 217 -15.63 14.31 -21.56
N LYS A 218 -14.89 15.42 -21.42
CA LYS A 218 -13.68 15.45 -20.61
C LYS A 218 -14.04 15.50 -19.13
N VAL A 219 -13.66 14.47 -18.38
CA VAL A 219 -13.96 14.43 -16.96
C VAL A 219 -12.71 13.99 -16.19
N ARG A 220 -12.76 14.18 -14.87
CA ARG A 220 -11.71 13.71 -13.98
C ARG A 220 -11.61 12.20 -14.03
N GLY A 221 -10.41 11.69 -14.27
CA GLY A 221 -10.23 10.26 -14.15
C GLY A 221 -8.81 9.83 -14.38
N ARG A 222 -8.65 8.50 -14.49
CA ARG A 222 -7.36 7.86 -14.66
C ARG A 222 -7.45 6.93 -15.85
N LEU A 223 -6.50 7.07 -16.78
CA LEU A 223 -6.51 6.32 -18.03
C LEU A 223 -5.59 5.12 -17.92
N TYR A 224 -6.13 3.95 -18.26
CA TYR A 224 -5.39 2.71 -18.38
C TYR A 224 -5.55 2.17 -19.79
N PRO A 225 -4.67 1.26 -20.23
CA PRO A 225 -4.85 0.67 -21.56
C PRO A 225 -6.16 -0.08 -21.72
N TRP A 226 -6.77 -0.52 -20.61
CA TRP A 226 -7.99 -1.33 -20.64
C TRP A 226 -9.25 -0.54 -20.30
N GLY A 227 -9.15 0.75 -20.02
CA GLY A 227 -10.32 1.53 -19.71
C GLY A 227 -9.98 2.73 -18.84
N VAL A 228 -11.03 3.44 -18.45
CA VAL A 228 -10.92 4.74 -17.80
C VAL A 228 -11.73 4.74 -16.51
N VAL A 229 -11.09 5.08 -15.40
CA VAL A 229 -11.77 5.25 -14.12
C VAL A 229 -12.19 6.70 -14.00
N GLU A 230 -13.47 6.93 -13.69
CA GLU A 230 -14.01 8.27 -13.54
C GLU A 230 -14.12 8.61 -12.07
N VAL A 231 -13.51 9.73 -11.66
CA VAL A 231 -13.51 10.12 -10.25
C VAL A 231 -14.93 10.32 -9.75
N GLU A 232 -15.76 11.01 -10.53
CA GLU A 232 -17.12 11.37 -10.11
C GLU A 232 -18.17 10.36 -10.56
N ASN A 233 -17.77 9.15 -10.95
CA ASN A 233 -18.73 8.10 -11.26
C ASN A 233 -18.96 7.28 -10.00
N PRO A 234 -20.12 7.40 -9.35
CA PRO A 234 -20.36 6.63 -8.12
C PRO A 234 -20.31 5.13 -8.32
N GLU A 235 -20.43 4.66 -9.56
CA GLU A 235 -20.28 3.23 -9.87
C GLU A 235 -18.84 2.81 -10.02
N HIS A 236 -17.91 3.76 -9.96
CA HIS A 236 -16.48 3.46 -10.01
C HIS A 236 -15.80 3.57 -8.65
N ASN A 237 -16.21 4.54 -7.83
CA ASN A 237 -15.59 4.75 -6.52
C ASN A 237 -16.47 5.70 -5.72
N ASP A 238 -16.04 5.96 -4.48
CA ASP A 238 -16.86 6.66 -3.50
C ASP A 238 -16.46 8.12 -3.32
N PHE A 239 -15.74 8.71 -4.28
CA PHE A 239 -15.27 10.08 -4.12
C PHE A 239 -16.42 11.03 -3.82
N LEU A 240 -17.52 10.92 -4.56
CA LEU A 240 -18.63 11.84 -4.35
C LEU A 240 -19.29 11.63 -3.01
N LYS A 241 -19.35 10.40 -2.52
CA LYS A 241 -19.91 10.16 -1.19
C LYS A 241 -19.03 10.79 -0.12
N LEU A 242 -17.71 10.62 -0.23
CA LEU A 242 -16.80 11.26 0.72
C LEU A 242 -16.94 12.78 0.67
N ARG A 243 -16.95 13.35 -0.53
CA ARG A 243 -17.09 14.79 -0.66
C ARG A 243 -18.42 15.27 -0.08
N THR A 244 -19.52 14.60 -0.44
CA THR A 244 -20.83 14.98 0.06
C THR A 244 -20.91 14.83 1.58
N MET A 245 -20.41 13.70 2.09
CA MET A 245 -20.38 13.49 3.54
C MET A 245 -19.68 14.65 4.25
N LEU A 246 -18.50 15.03 3.76
CA LEU A 246 -17.71 16.05 4.43
C LEU A 246 -18.43 17.39 4.42
N ILE A 247 -18.94 17.79 3.25
CA ILE A 247 -19.61 19.08 3.15
C ILE A 247 -20.90 19.09 3.97
N THR A 248 -21.67 18.00 3.90
CA THR A 248 -22.94 17.94 4.62
C THR A 248 -22.73 17.95 6.14
N HIS A 249 -21.66 17.32 6.61
CA HIS A 249 -21.47 17.10 8.04
C HIS A 249 -20.33 17.91 8.64
N MET A 250 -19.84 18.93 7.92
CA MET A 250 -18.79 19.77 8.47
C MET A 250 -19.20 20.37 9.81
N GLN A 251 -20.44 20.87 9.90
CA GLN A 251 -20.91 21.48 11.13
C GLN A 251 -20.99 20.46 12.25
N ASP A 252 -21.52 19.26 11.97
CA ASP A 252 -21.59 18.23 13.01
C ASP A 252 -20.20 17.80 13.43
N LEU A 253 -19.27 17.69 12.50
CA LEU A 253 -17.91 17.34 12.84
C LEU A 253 -17.31 18.36 13.82
N GLN A 254 -17.50 19.64 13.52
CA GLN A 254 -17.06 20.69 14.45
C GLN A 254 -17.72 20.54 15.82
N GLU A 255 -19.03 20.26 15.85
CA GLU A 255 -19.75 20.23 17.11
C GLU A 255 -19.31 19.04 17.97
N VAL A 256 -19.04 17.90 17.33
CA VAL A 256 -18.54 16.75 18.09
C VAL A 256 -17.14 17.04 18.62
N THR A 257 -16.31 17.70 17.82
CA THR A 257 -14.98 18.08 18.30
C THR A 257 -15.08 18.93 19.56
N GLN A 258 -16.02 19.90 19.56
CA GLN A 258 -16.22 20.77 20.72
C GLN A 258 -16.86 20.02 21.88
N ASP A 259 -17.97 19.32 21.62
CA ASP A 259 -18.79 18.78 22.69
C ASP A 259 -18.22 17.48 23.27
N LEU A 260 -17.49 16.70 22.48
CA LEU A 260 -16.97 15.41 22.93
C LEU A 260 -15.47 15.45 23.15
N HIS A 261 -14.67 15.62 22.09
CA HIS A 261 -13.22 15.47 22.22
C HIS A 261 -12.62 16.60 23.06
N TYR A 262 -13.02 17.84 22.79
CA TYR A 262 -12.50 18.95 23.57
C TYR A 262 -12.90 18.84 25.04
N GLU A 263 -14.16 18.49 25.32
CA GLU A 263 -14.59 18.40 26.71
C GLU A 263 -13.87 17.26 27.43
N ASN A 264 -13.62 16.14 26.74
CA ASN A 264 -12.88 15.06 27.37
C ASN A 264 -11.43 15.48 27.61
N PHE A 265 -10.81 16.20 26.67
CA PHE A 265 -9.50 16.78 26.95
C PHE A 265 -9.57 17.69 28.16
N ARG A 266 -10.60 18.52 28.24
CA ARG A 266 -10.67 19.53 29.27
C ARG A 266 -10.78 18.91 30.66
N SER A 267 -11.61 17.87 30.81
CA SER A 267 -11.78 17.25 32.13
C SER A 267 -10.57 16.39 32.49
N GLU A 268 -10.03 15.65 31.52
CA GLU A 268 -8.80 14.90 31.70
C GLU A 268 -7.61 15.81 32.03
N ARG A 269 -7.75 17.11 31.76
CA ARG A 269 -6.67 18.07 31.97
C ARG A 269 -6.37 18.34 33.44
N LEU A 270 -7.31 18.06 34.34
CA LEU A 270 -7.18 18.49 35.73
C LEU A 270 -6.17 17.63 36.49
N LYS A 271 -5.13 18.28 37.01
CA LYS A 271 -4.12 17.60 37.82
C LYS A 271 -4.51 17.60 39.30
N PHE B 27 15.94 -29.01 -13.67
CA PHE B 27 15.29 -29.97 -12.79
C PHE B 27 14.84 -29.31 -11.49
N CYS B 28 15.81 -28.87 -10.69
CA CYS B 28 15.53 -28.21 -9.42
CA CYS B 28 15.53 -28.21 -9.43
C CYS B 28 15.62 -26.70 -9.60
N PHE B 29 14.63 -25.98 -9.06
CA PHE B 29 14.60 -24.53 -9.16
C PHE B 29 13.90 -23.96 -7.94
N ASN B 30 14.56 -23.03 -7.25
CA ASN B 30 14.08 -22.48 -5.99
C ASN B 30 13.90 -20.98 -6.13
N ILE B 31 12.67 -20.52 -5.92
CA ILE B 31 12.30 -19.12 -6.09
C ILE B 31 11.93 -18.54 -4.73
N LEU B 32 12.53 -17.41 -4.38
CA LEU B 32 12.17 -16.68 -3.17
C LEU B 32 11.29 -15.49 -3.55
N CYS B 33 10.13 -15.38 -2.93
CA CYS B 33 9.26 -14.22 -3.10
C CYS B 33 9.35 -13.38 -1.83
N VAL B 34 9.91 -12.18 -1.96
CA VAL B 34 9.96 -11.19 -0.89
C VAL B 34 8.95 -10.10 -1.22
N GLY B 35 8.03 -9.86 -0.31
CA GLY B 35 7.01 -8.87 -0.55
C GLY B 35 6.06 -8.70 0.62
N GLU B 36 5.51 -7.49 0.74
CA GLU B 36 4.61 -7.17 1.84
C GLU B 36 3.39 -8.09 1.85
N THR B 37 2.74 -8.17 3.01
CA THR B 37 1.60 -9.06 3.18
C THR B 37 0.47 -8.67 2.24
N GLY B 38 0.01 -9.62 1.43
CA GLY B 38 -1.06 -9.39 0.49
C GLY B 38 -0.67 -8.71 -0.80
N ILE B 39 0.63 -8.50 -1.04
CA ILE B 39 1.07 -7.78 -2.23
C ILE B 39 0.93 -8.59 -3.50
N GLY B 40 0.64 -9.89 -3.40
CA GLY B 40 0.31 -10.68 -4.58
C GLY B 40 1.28 -11.80 -4.89
N LYS B 41 2.07 -12.22 -3.89
CA LYS B 41 3.10 -13.23 -4.13
C LYS B 41 2.49 -14.54 -4.57
N SER B 42 1.53 -15.06 -3.80
CA SER B 42 0.93 -16.34 -4.14
C SER B 42 0.18 -16.27 -5.47
N THR B 43 -0.54 -15.17 -5.71
CA THR B 43 -1.28 -15.03 -6.96
C THR B 43 -0.33 -15.04 -8.16
N LEU B 44 0.80 -14.34 -8.06
CA LEU B 44 1.71 -14.27 -9.19
C LEU B 44 2.34 -15.63 -9.48
N MET B 45 2.69 -16.39 -8.45
CA MET B 45 3.25 -17.73 -8.68
C MET B 45 2.24 -18.66 -9.32
N ASP B 46 0.98 -18.63 -8.85
CA ASP B 46 -0.07 -19.41 -9.48
C ASP B 46 -0.21 -19.04 -10.95
N THR B 47 -0.19 -17.74 -11.26
CA THR B 47 -0.29 -17.30 -12.64
C THR B 47 0.94 -17.73 -13.45
N LEU B 48 2.13 -17.59 -12.87
CA LEU B 48 3.36 -17.89 -13.61
C LEU B 48 3.40 -19.35 -14.05
N PHE B 49 2.98 -20.26 -13.18
CA PHE B 49 3.04 -21.68 -13.49
C PHE B 49 1.68 -22.26 -13.88
N ASN B 50 0.64 -21.42 -13.94
CA ASN B 50 -0.68 -21.83 -14.42
C ASN B 50 -1.21 -23.01 -13.62
N THR B 51 -1.19 -22.88 -12.30
CA THR B 51 -1.72 -23.91 -11.42
C THR B 51 -2.14 -23.24 -10.12
N LYS B 52 -2.49 -24.04 -9.11
CA LYS B 52 -2.84 -23.53 -7.80
C LYS B 52 -1.92 -24.16 -6.76
N PHE B 53 -0.93 -23.41 -6.31
CA PHE B 53 -0.10 -23.83 -5.19
C PHE B 53 -0.83 -23.56 -3.87
N GLU B 54 -0.18 -23.87 -2.76
CA GLU B 54 -0.70 -23.47 -1.46
C GLU B 54 -0.57 -21.97 -1.29
N SER B 55 -1.68 -21.30 -1.00
CA SER B 55 -1.72 -19.84 -1.05
C SER B 55 -2.51 -19.28 0.12
N ASP B 56 -2.42 -19.92 1.28
CA ASP B 56 -3.10 -19.44 2.48
C ASP B 56 -2.58 -18.05 2.85
N PRO B 57 -3.45 -17.05 2.98
CA PRO B 57 -2.96 -15.70 3.30
C PRO B 57 -2.46 -15.61 4.73
N ALA B 58 -1.49 -14.72 4.93
CA ALA B 58 -1.01 -14.39 6.26
C ALA B 58 -1.86 -13.29 6.87
N THR B 59 -1.84 -13.23 8.20
CA THR B 59 -2.38 -12.06 8.87
C THR B 59 -1.36 -10.92 8.80
N HIS B 60 -1.78 -9.74 9.22
CA HIS B 60 -0.88 -8.61 9.35
C HIS B 60 -0.26 -8.51 10.74
N ASN B 61 -0.50 -9.50 11.61
CA ASN B 61 -0.14 -9.41 13.02
C ASN B 61 1.00 -10.35 13.41
N GLU B 62 1.78 -10.82 12.44
CA GLU B 62 2.92 -11.67 12.77
C GLU B 62 3.96 -10.84 13.53
N PRO B 63 4.53 -11.37 14.62
CA PRO B 63 5.50 -10.58 15.40
C PRO B 63 6.79 -10.29 14.66
N GLY B 64 7.08 -11.03 13.59
CA GLY B 64 8.29 -10.78 12.83
C GLY B 64 8.23 -11.51 11.51
N VAL B 65 9.30 -11.35 10.73
CA VAL B 65 9.38 -11.99 9.42
C VAL B 65 9.76 -13.45 9.61
N ARG B 66 9.00 -14.34 8.97
CA ARG B 66 9.37 -15.74 8.88
C ARG B 66 9.17 -16.18 7.44
N LEU B 67 9.50 -17.44 7.15
CA LEU B 67 9.49 -17.93 5.78
C LEU B 67 8.71 -19.23 5.68
N LYS B 68 7.92 -19.36 4.62
CA LYS B 68 7.17 -20.57 4.31
C LYS B 68 7.74 -21.16 3.03
N ALA B 69 8.16 -22.41 3.09
CA ALA B 69 8.73 -23.11 1.95
C ALA B 69 7.84 -24.27 1.57
N ARG B 70 7.53 -24.41 0.28
CA ARG B 70 6.76 -25.52 -0.23
C ARG B 70 7.37 -26.01 -1.53
N SER B 71 7.40 -27.32 -1.73
CA SER B 71 7.97 -27.93 -2.91
C SER B 71 6.89 -28.61 -3.74
N TYR B 72 7.03 -28.54 -5.06
CA TYR B 72 6.04 -29.08 -5.98
C TYR B 72 6.76 -29.75 -7.15
N GLU B 73 6.18 -30.84 -7.64
CA GLU B 73 6.68 -31.52 -8.83
C GLU B 73 5.84 -31.08 -10.02
N LEU B 74 6.45 -30.36 -10.94
CA LEU B 74 5.74 -29.81 -12.10
C LEU B 74 6.44 -30.20 -13.39
N GLN B 75 5.68 -30.14 -14.47
CA GLN B 75 6.21 -30.22 -15.83
C GLN B 75 6.11 -28.83 -16.44
N GLU B 76 7.25 -28.26 -16.80
CA GLU B 76 7.34 -26.91 -17.34
C GLU B 76 7.93 -27.00 -18.75
N SER B 77 7.05 -27.31 -19.72
CA SER B 77 7.35 -27.75 -21.08
C SER B 77 7.58 -29.26 -21.08
N ASN B 78 8.79 -29.69 -21.41
CA ASN B 78 9.11 -31.11 -21.35
C ASN B 78 9.80 -31.51 -20.05
N VAL B 79 10.19 -30.54 -19.22
CA VAL B 79 11.23 -30.74 -18.21
C VAL B 79 10.60 -31.07 -16.85
N ARG B 80 11.07 -32.15 -16.23
CA ARG B 80 10.65 -32.48 -14.87
C ARG B 80 11.21 -31.45 -13.91
N LEU B 81 10.32 -30.67 -13.30
CA LEU B 81 10.71 -29.52 -12.49
C LEU B 81 10.36 -29.80 -11.03
N LYS B 82 11.38 -29.83 -10.18
CA LYS B 82 11.20 -29.85 -8.73
C LYS B 82 11.29 -28.41 -8.26
N LEU B 83 10.13 -27.76 -8.12
CA LEU B 83 10.06 -26.34 -7.82
C LEU B 83 9.78 -26.13 -6.33
N THR B 84 10.63 -25.34 -5.68
CA THR B 84 10.39 -24.89 -4.32
C THR B 84 10.08 -23.40 -4.35
N ILE B 85 8.98 -23.01 -3.71
CA ILE B 85 8.60 -21.61 -3.58
C ILE B 85 8.74 -21.24 -2.11
N VAL B 86 9.56 -20.24 -1.83
CA VAL B 86 9.74 -19.72 -0.48
C VAL B 86 9.15 -18.31 -0.43
N ASP B 87 8.17 -18.11 0.44
CA ASP B 87 7.51 -16.81 0.61
C ASP B 87 7.92 -16.20 1.95
N THR B 88 8.11 -14.88 1.96
CA THR B 88 8.14 -14.19 3.25
C THR B 88 6.75 -14.20 3.87
N VAL B 89 6.71 -14.19 5.19
CA VAL B 89 5.48 -14.04 5.96
C VAL B 89 5.69 -12.89 6.95
N GLY B 90 4.78 -11.94 6.95
CA GLY B 90 4.85 -10.82 7.88
C GLY B 90 5.78 -9.71 7.47
N PHE B 91 6.32 -9.72 6.25
CA PHE B 91 7.26 -8.70 5.82
C PHE B 91 6.55 -7.36 5.67
N GLY B 92 7.06 -6.33 6.35
CA GLY B 92 6.50 -5.00 6.29
C GLY B 92 5.37 -4.73 7.27
N ASP B 93 4.98 -5.69 8.08
CA ASP B 93 3.78 -5.54 8.91
C ASP B 93 4.04 -4.94 10.27
N GLN B 94 5.24 -5.09 10.82
CA GLN B 94 5.48 -4.62 12.18
C GLN B 94 5.68 -3.12 12.20
N ILE B 95 5.33 -2.50 13.33
CA ILE B 95 5.63 -1.08 13.50
C ILE B 95 7.13 -0.85 13.46
N ASN B 96 7.89 -1.70 14.13
CA ASN B 96 9.35 -1.65 14.08
C ASN B 96 9.82 -2.69 13.05
N LYS B 97 10.29 -2.21 11.90
CA LYS B 97 10.73 -3.07 10.81
C LYS B 97 12.24 -3.31 10.82
N ASP B 98 12.91 -3.00 11.93
CA ASP B 98 14.34 -3.26 12.05
C ASP B 98 14.65 -4.74 11.82
N ASP B 99 15.71 -5.00 11.05
CA ASP B 99 16.25 -6.35 10.86
C ASP B 99 15.24 -7.30 10.22
N SER B 100 14.27 -6.76 9.46
CA SER B 100 13.34 -7.62 8.74
C SER B 100 14.06 -8.54 7.77
N TYR B 101 15.24 -8.14 7.29
CA TYR B 101 15.99 -8.97 6.34
C TYR B 101 16.62 -10.20 7.01
N LYS B 102 16.83 -10.16 8.32
CA LYS B 102 17.64 -11.19 8.96
C LYS B 102 17.09 -12.60 8.80
N PRO B 103 15.79 -12.86 9.03
CA PRO B 103 15.29 -14.22 8.79
C PRO B 103 15.39 -14.64 7.34
N ILE B 104 15.31 -13.70 6.41
CA ILE B 104 15.49 -14.04 4.99
C ILE B 104 16.92 -14.46 4.72
N VAL B 105 17.89 -13.66 5.19
CA VAL B 105 19.30 -13.98 5.00
C VAL B 105 19.64 -15.30 5.70
N GLU B 106 19.04 -15.54 6.86
CA GLU B 106 19.28 -16.79 7.59
C GLU B 106 18.87 -18.00 6.77
N TYR B 107 17.72 -17.92 6.09
CA TYR B 107 17.28 -19.02 5.24
C TYR B 107 18.25 -19.20 4.08
N ILE B 108 18.57 -18.10 3.38
CA ILE B 108 19.47 -18.17 2.24
C ILE B 108 20.81 -18.76 2.65
N ASP B 109 21.36 -18.27 3.78
CA ASP B 109 22.63 -18.78 4.27
C ASP B 109 22.55 -20.24 4.68
N ALA B 110 21.40 -20.68 5.21
CA ALA B 110 21.26 -22.07 5.63
C ALA B 110 21.35 -23.02 4.44
N GLN B 111 20.82 -22.61 3.29
CA GLN B 111 20.92 -23.45 2.09
C GLN B 111 22.34 -23.44 1.53
N PHE B 112 23.03 -22.30 1.61
CA PHE B 112 24.45 -22.26 1.28
C PHE B 112 25.23 -23.24 2.15
N GLU B 113 24.98 -23.20 3.46
CA GLU B 113 25.73 -24.05 4.39
C GLU B 113 25.42 -25.53 4.16
N ALA B 114 24.15 -25.86 3.88
CA ALA B 114 23.81 -27.24 3.57
C ALA B 114 24.54 -27.73 2.33
N TYR B 115 24.63 -26.88 1.30
CA TYR B 115 25.38 -27.27 0.11
C TYR B 115 26.86 -27.47 0.44
N LEU B 116 27.42 -26.55 1.23
CA LEU B 116 28.84 -26.67 1.58
C LEU B 116 29.12 -27.94 2.36
N GLN B 117 28.25 -28.27 3.31
CA GLN B 117 28.41 -29.51 4.07
C GLN B 117 28.34 -30.73 3.15
N GLU B 118 27.54 -30.66 2.09
CA GLU B 118 27.52 -31.74 1.12
C GLU B 118 28.85 -31.85 0.38
N GLU B 119 29.45 -30.71 0.03
CA GLU B 119 30.74 -30.72 -0.64
C GLU B 119 31.85 -31.26 0.24
N LEU B 120 31.72 -31.12 1.56
CA LEU B 120 32.74 -31.56 2.51
C LEU B 120 32.55 -33.01 2.97
N LYS B 121 31.56 -33.72 2.44
CA LYS B 121 31.42 -35.12 2.80
C LYS B 121 32.56 -35.95 2.20
N ILE B 122 32.90 -37.03 2.88
CA ILE B 122 33.95 -37.92 2.39
C ILE B 122 33.41 -38.82 1.29
N LYS B 123 32.44 -39.66 1.63
CA LYS B 123 31.63 -40.35 0.64
C LYS B 123 30.47 -39.41 0.28
N ARG B 124 30.56 -38.80 -0.90
CA ARG B 124 29.58 -37.79 -1.27
C ARG B 124 29.00 -38.10 -2.64
N SER B 125 27.85 -37.50 -2.91
CA SER B 125 27.13 -37.69 -4.16
C SER B 125 26.42 -36.37 -4.48
N LEU B 126 27.20 -35.40 -4.96
CA LEU B 126 26.64 -34.11 -5.36
C LEU B 126 25.72 -34.24 -6.55
N PHE B 127 25.86 -35.28 -7.36
CA PHE B 127 24.91 -35.52 -8.44
C PHE B 127 23.53 -35.90 -7.92
N ASN B 128 23.48 -36.59 -6.78
CA ASN B 128 22.22 -36.97 -6.15
C ASN B 128 21.61 -35.86 -5.31
N TYR B 129 22.35 -34.80 -5.02
CA TYR B 129 21.94 -33.82 -4.01
C TYR B 129 20.84 -32.91 -4.54
N HIS B 130 19.80 -32.72 -3.72
CA HIS B 130 18.70 -31.81 -4.05
CA HIS B 130 18.70 -31.81 -4.05
C HIS B 130 19.11 -30.40 -3.62
N ASP B 131 19.52 -29.60 -4.60
CA ASP B 131 19.95 -28.23 -4.33
C ASP B 131 18.81 -27.40 -3.76
N THR B 132 19.01 -26.83 -2.58
CA THR B 132 17.99 -26.01 -1.94
C THR B 132 18.32 -24.52 -1.97
N ARG B 133 19.42 -24.13 -2.61
CA ARG B 133 19.81 -22.72 -2.64
C ARG B 133 18.83 -21.93 -3.48
N ILE B 134 18.54 -20.69 -3.04
CA ILE B 134 17.63 -19.84 -3.79
C ILE B 134 18.30 -19.43 -5.09
N HIS B 135 17.67 -19.76 -6.21
CA HIS B 135 18.20 -19.44 -7.52
C HIS B 135 17.69 -18.11 -8.07
N ALA B 136 16.57 -17.61 -7.55
CA ALA B 136 16.00 -16.35 -8.02
C ALA B 136 15.18 -15.75 -6.89
N CYS B 137 15.32 -14.44 -6.70
CA CYS B 137 14.54 -13.71 -5.72
C CYS B 137 13.66 -12.71 -6.44
N LEU B 138 12.35 -12.94 -6.43
CA LEU B 138 11.40 -11.96 -6.92
C LEU B 138 11.13 -10.98 -5.77
N TYR B 139 11.56 -9.73 -5.94
CA TYR B 139 11.31 -8.70 -4.94
C TYR B 139 10.12 -7.87 -5.38
N PHE B 140 9.01 -7.99 -4.65
CA PHE B 140 7.75 -7.34 -4.99
C PHE B 140 7.77 -5.90 -4.47
N ILE B 141 7.78 -4.94 -5.38
CA ILE B 141 7.74 -3.53 -5.03
C ILE B 141 6.29 -3.06 -5.05
N ALA B 142 5.82 -2.53 -3.92
CA ALA B 142 4.45 -2.01 -3.87
C ALA B 142 4.31 -0.83 -4.83
N PRO B 143 3.19 -0.73 -5.54
CA PRO B 143 3.04 0.34 -6.56
C PRO B 143 2.60 1.67 -5.94
N THR B 144 3.53 2.29 -5.21
CA THR B 144 3.26 3.62 -4.65
C THR B 144 3.16 4.67 -5.74
N GLY B 145 3.90 4.51 -6.83
CA GLY B 145 4.05 5.58 -7.79
C GLY B 145 5.10 6.61 -7.44
N HIS B 146 5.84 6.41 -6.35
CA HIS B 146 6.92 7.33 -6.00
C HIS B 146 8.27 6.72 -6.37
N SER B 147 8.88 5.96 -5.45
CA SER B 147 10.11 5.24 -5.78
C SER B 147 10.23 3.95 -4.98
N LEU B 148 11.19 3.89 -4.06
CA LEU B 148 11.36 2.74 -3.18
C LEU B 148 11.06 3.13 -1.74
N LYS B 149 10.42 2.23 -1.02
CA LYS B 149 10.26 2.40 0.42
C LYS B 149 11.60 2.15 1.10
N SER B 150 11.76 2.71 2.29
CA SER B 150 13.01 2.50 3.03
C SER B 150 13.24 1.02 3.28
N LEU B 151 12.18 0.27 3.56
CA LEU B 151 12.31 -1.16 3.77
C LEU B 151 12.78 -1.88 2.51
N ASP B 152 12.30 -1.42 1.34
CA ASP B 152 12.74 -2.01 0.08
C ASP B 152 14.23 -1.84 -0.12
N LEU B 153 14.72 -0.62 0.08
CA LEU B 153 16.15 -0.36 -0.09
C LEU B 153 16.98 -1.19 0.87
N VAL B 154 16.65 -1.14 2.16
CA VAL B 154 17.45 -1.82 3.18
C VAL B 154 17.50 -3.33 2.91
N THR B 155 16.35 -3.92 2.58
CA THR B 155 16.30 -5.36 2.40
C THR B 155 17.02 -5.80 1.13
N MET B 156 16.80 -5.11 0.02
CA MET B 156 17.46 -5.47 -1.23
C MET B 156 18.98 -5.30 -1.13
N LYS B 157 19.43 -4.27 -0.40
CA LYS B 157 20.86 -4.12 -0.20
C LYS B 157 21.45 -5.28 0.61
N LYS B 158 20.68 -5.82 1.55
CA LYS B 158 21.17 -6.94 2.35
C LYS B 158 21.13 -8.25 1.57
N LEU B 159 20.34 -8.32 0.49
CA LEU B 159 20.18 -9.55 -0.25
C LEU B 159 20.99 -9.60 -1.55
N ASP B 160 21.49 -8.47 -2.03
CA ASP B 160 21.94 -8.42 -3.42
C ASP B 160 23.22 -9.21 -3.68
N SER B 161 23.97 -9.55 -2.64
CA SER B 161 25.16 -10.39 -2.79
C SER B 161 24.88 -11.84 -2.42
N LYS B 162 23.63 -12.17 -2.11
CA LYS B 162 23.24 -13.50 -1.67
C LYS B 162 22.34 -14.20 -2.67
N VAL B 163 21.65 -13.47 -3.54
CA VAL B 163 20.64 -14.05 -4.42
C VAL B 163 20.52 -13.18 -5.66
N ASN B 164 20.03 -13.78 -6.74
CA ASN B 164 19.71 -13.08 -7.99
C ASN B 164 18.41 -12.32 -7.78
N ILE B 165 18.51 -11.02 -7.54
CA ILE B 165 17.33 -10.21 -7.30
C ILE B 165 16.70 -9.82 -8.63
N ILE B 166 15.41 -10.10 -8.76
CA ILE B 166 14.60 -9.66 -9.89
C ILE B 166 13.52 -8.75 -9.34
N PRO B 167 13.74 -7.44 -9.38
CA PRO B 167 12.72 -6.51 -8.86
C PRO B 167 11.55 -6.43 -9.81
N ILE B 168 10.35 -6.45 -9.24
CA ILE B 168 9.12 -6.34 -10.02
C ILE B 168 8.20 -5.36 -9.32
N ILE B 169 7.38 -4.68 -10.11
CA ILE B 169 6.33 -3.82 -9.57
C ILE B 169 5.08 -4.67 -9.42
N ALA B 170 4.66 -4.90 -8.18
CA ALA B 170 3.50 -5.73 -7.91
C ALA B 170 2.21 -4.94 -8.15
N LYS B 171 1.13 -5.68 -8.42
CA LYS B 171 -0.19 -5.09 -8.64
C LYS B 171 -0.09 -3.88 -9.55
N ALA B 172 0.59 -4.08 -10.68
CA ALA B 172 0.97 -2.98 -11.57
C ALA B 172 -0.23 -2.37 -12.30
N ASP B 173 -1.41 -3.01 -12.24
CA ASP B 173 -2.59 -2.35 -12.78
C ASP B 173 -3.00 -1.14 -11.95
N THR B 174 -2.29 -0.88 -10.84
CA THR B 174 -2.46 0.32 -10.03
C THR B 174 -1.94 1.57 -10.74
N ILE B 175 -0.97 1.40 -11.64
CA ILE B 175 -0.21 2.51 -12.18
C ILE B 175 -0.76 2.87 -13.56
N ALA B 176 -1.15 4.13 -13.73
CA ALA B 176 -1.74 4.55 -14.98
C ALA B 176 -0.70 4.54 -16.10
N LYS B 177 -1.21 4.52 -17.33
CA LYS B 177 -0.35 4.52 -18.50
C LYS B 177 0.66 5.65 -18.44
N ASN B 178 0.23 6.85 -18.03
CA ASN B 178 1.12 8.01 -18.00
C ASN B 178 2.03 8.05 -16.78
N GLU B 179 1.95 7.07 -15.89
CA GLU B 179 2.80 7.03 -14.71
C GLU B 179 3.84 5.92 -14.73
N LEU B 180 3.65 4.89 -15.55
CA LEU B 180 4.45 3.68 -15.43
C LEU B 180 5.91 3.93 -15.76
N HIS B 181 6.19 4.61 -16.88
CA HIS B 181 7.57 4.82 -17.31
C HIS B 181 8.35 5.63 -16.29
N LYS B 182 7.74 6.70 -15.76
CA LYS B 182 8.42 7.50 -14.76
C LYS B 182 8.69 6.70 -13.49
N PHE B 183 7.71 5.89 -13.07
CA PHE B 183 7.87 5.09 -11.86
C PHE B 183 8.98 4.05 -12.04
N LYS B 184 8.98 3.34 -13.17
CA LYS B 184 10.07 2.41 -13.47
C LYS B 184 11.42 3.12 -13.41
N SER B 185 11.52 4.31 -14.00
CA SER B 185 12.79 5.02 -14.04
C SER B 185 13.22 5.49 -12.66
N LYS B 186 12.25 5.92 -11.82
CA LYS B 186 12.60 6.33 -10.46
C LYS B 186 13.10 5.15 -9.65
N ILE B 187 12.51 3.96 -9.86
CA ILE B 187 12.94 2.77 -9.13
C ILE B 187 14.36 2.39 -9.53
N MET B 188 14.64 2.33 -10.83
CA MET B 188 15.97 1.96 -11.29
C MET B 188 17.02 2.96 -10.82
N SER B 189 16.69 4.26 -10.89
CA SER B 189 17.60 5.29 -10.42
C SER B 189 17.97 5.10 -8.96
N GLU B 190 16.99 4.70 -8.13
CA GLU B 190 17.28 4.41 -6.73
C GLU B 190 18.18 3.18 -6.59
N LEU B 191 17.93 2.15 -7.40
CA LEU B 191 18.78 0.96 -7.35
C LEU B 191 20.21 1.29 -7.78
N VAL B 192 20.36 2.11 -8.81
CA VAL B 192 21.69 2.45 -9.31
C VAL B 192 22.42 3.35 -8.33
N SER B 193 21.75 4.41 -7.85
CA SER B 193 22.44 5.36 -6.98
C SER B 193 22.79 4.74 -5.63
N ASN B 194 22.05 3.72 -5.19
CA ASN B 194 22.35 3.04 -3.94
C ASN B 194 23.21 1.79 -4.15
N GLY B 195 23.61 1.49 -5.38
CA GLY B 195 24.51 0.38 -5.62
C GLY B 195 23.91 -0.99 -5.37
N VAL B 196 22.60 -1.14 -5.59
CA VAL B 196 21.96 -2.44 -5.42
C VAL B 196 22.24 -3.28 -6.65
N GLN B 197 22.88 -4.43 -6.46
CA GLN B 197 23.20 -5.32 -7.56
C GLN B 197 22.00 -6.21 -7.85
N ILE B 198 21.45 -6.10 -9.06
CA ILE B 198 20.32 -6.92 -9.47
C ILE B 198 20.77 -7.82 -10.60
N TYR B 199 19.99 -8.89 -10.82
CA TYR B 199 20.34 -9.90 -11.81
C TYR B 199 20.25 -9.32 -13.22
N GLN B 200 21.28 -9.58 -14.03
CA GLN B 200 21.33 -9.15 -15.41
C GLN B 200 20.99 -10.32 -16.31
N PHE B 201 19.90 -10.21 -17.07
CA PHE B 201 19.52 -11.27 -17.98
C PHE B 201 20.48 -11.32 -19.18
N PRO B 202 21.02 -12.50 -19.53
CA PRO B 202 21.95 -12.67 -20.66
C PRO B 202 21.35 -12.23 -22.00
N VAL B 217 11.31 -4.38 -23.50
CA VAL B 217 10.76 -4.33 -22.14
C VAL B 217 11.65 -3.50 -21.22
N HIS B 218 11.05 -2.50 -20.59
CA HIS B 218 11.77 -1.63 -19.66
C HIS B 218 11.64 -2.16 -18.25
N LEU B 219 12.77 -2.29 -17.56
CA LEU B 219 12.82 -2.83 -16.21
C LEU B 219 12.54 -1.75 -15.17
N PRO B 220 12.00 -2.12 -14.00
CA PRO B 220 11.60 -3.47 -13.57
C PRO B 220 10.29 -3.94 -14.21
N PHE B 221 10.11 -5.25 -14.30
CA PHE B 221 8.87 -5.80 -14.83
C PHE B 221 7.68 -5.31 -14.01
N ALA B 222 6.68 -4.76 -14.69
CA ALA B 222 5.42 -4.37 -14.07
C ALA B 222 4.42 -5.50 -14.35
N VAL B 223 4.07 -6.25 -13.30
CA VAL B 223 3.33 -7.48 -13.48
C VAL B 223 1.94 -7.38 -12.86
N VAL B 224 1.03 -8.16 -13.43
CA VAL B 224 -0.30 -8.39 -12.91
C VAL B 224 -0.48 -9.89 -12.77
N GLY B 225 -1.06 -10.32 -11.65
CA GLY B 225 -1.39 -11.72 -11.44
C GLY B 225 -2.89 -11.89 -11.33
N SER B 226 -3.40 -13.06 -11.72
CA SER B 226 -4.80 -13.38 -11.54
C SER B 226 -5.08 -14.86 -11.74
N THR B 227 -5.79 -15.48 -10.81
CA THR B 227 -6.32 -16.82 -11.00
C THR B 227 -7.74 -16.82 -11.54
N GLU B 228 -8.33 -15.64 -11.75
CA GLU B 228 -9.69 -15.54 -12.28
C GLU B 228 -9.63 -15.42 -13.80
N GLU B 229 -10.70 -15.86 -14.44
CA GLU B 229 -10.80 -15.83 -15.90
C GLU B 229 -11.88 -14.85 -16.34
N VAL B 230 -11.65 -14.23 -17.50
CA VAL B 230 -12.61 -13.37 -18.16
C VAL B 230 -12.65 -13.77 -19.62
N LYS B 231 -13.85 -13.80 -20.20
CA LYS B 231 -13.98 -14.08 -21.62
C LYS B 231 -13.41 -12.90 -22.41
N ILE B 232 -12.37 -13.16 -23.20
CA ILE B 232 -11.76 -12.16 -24.07
C ILE B 232 -11.75 -12.73 -25.48
N GLY B 233 -12.43 -12.05 -26.40
CA GLY B 233 -12.70 -12.66 -27.68
C GLY B 233 -13.57 -13.88 -27.45
N ASN B 234 -13.13 -15.03 -27.95
CA ASN B 234 -13.85 -16.28 -27.75
C ASN B 234 -13.16 -17.20 -26.75
N LYS B 235 -12.17 -16.70 -26.00
CA LYS B 235 -11.38 -17.53 -25.11
C LYS B 235 -11.47 -17.03 -23.68
N MET B 236 -11.25 -17.93 -22.73
CA MET B 236 -11.17 -17.57 -21.32
C MET B 236 -9.71 -17.27 -21.00
N ALA B 237 -9.45 -16.06 -20.51
CA ALA B 237 -8.09 -15.61 -20.22
C ALA B 237 -7.97 -15.19 -18.76
N LYS B 238 -6.81 -15.47 -18.16
CA LYS B 238 -6.53 -14.94 -16.82
C LYS B 238 -6.55 -13.43 -16.88
N ALA B 239 -7.34 -12.82 -15.98
CA ALA B 239 -7.64 -11.41 -16.13
C ALA B 239 -8.25 -10.90 -14.84
N ARG B 240 -8.33 -9.57 -14.73
CA ARG B 240 -9.00 -8.90 -13.62
C ARG B 240 -10.10 -8.03 -14.21
N GLN B 241 -11.34 -8.27 -13.77
CA GLN B 241 -12.50 -7.59 -14.31
C GLN B 241 -12.89 -6.43 -13.39
N TYR B 242 -12.79 -5.21 -13.91
CA TYR B 242 -13.21 -3.98 -13.24
C TYR B 242 -14.49 -3.46 -13.88
N PRO B 243 -15.23 -2.58 -13.20
CA PRO B 243 -16.41 -1.97 -13.85
C PRO B 243 -16.05 -1.22 -15.11
N TRP B 244 -14.80 -0.79 -15.27
CA TRP B 244 -14.37 0.04 -16.37
C TRP B 244 -13.49 -0.68 -17.39
N GLY B 245 -13.19 -1.95 -17.19
CA GLY B 245 -12.35 -2.65 -18.14
C GLY B 245 -11.76 -3.92 -17.57
N VAL B 246 -11.06 -4.64 -18.45
CA VAL B 246 -10.50 -5.96 -18.13
C VAL B 246 -8.99 -5.91 -18.36
N VAL B 247 -8.24 -6.14 -17.28
CA VAL B 247 -6.78 -6.25 -17.38
C VAL B 247 -6.47 -7.69 -17.74
N GLN B 248 -5.83 -7.89 -18.89
CA GLN B 248 -5.49 -9.23 -19.35
C GLN B 248 -4.03 -9.52 -19.01
N VAL B 249 -3.81 -10.58 -18.24
CA VAL B 249 -2.46 -10.89 -17.75
C VAL B 249 -1.49 -11.10 -18.90
N GLU B 250 -1.92 -11.81 -19.94
CA GLU B 250 -1.04 -12.17 -21.05
C GLU B 250 -1.06 -11.15 -22.19
N ASN B 251 -1.71 -10.00 -21.99
CA ASN B 251 -1.64 -8.90 -22.95
C ASN B 251 -0.40 -8.07 -22.62
N GLU B 252 0.61 -8.15 -23.49
CA GLU B 252 1.87 -7.47 -23.24
C GLU B 252 1.73 -5.95 -23.24
N ASN B 253 0.64 -5.42 -23.80
CA ASN B 253 0.36 -3.99 -23.71
C ASN B 253 -0.31 -3.61 -22.40
N HIS B 254 -0.70 -4.59 -21.58
CA HIS B 254 -1.28 -4.35 -20.26
C HIS B 254 -0.26 -4.47 -19.13
N CYS B 255 0.66 -5.44 -19.22
CA CYS B 255 1.66 -5.64 -18.18
C CYS B 255 2.80 -6.49 -18.76
N ASP B 256 3.85 -6.67 -17.95
CA ASP B 256 5.05 -7.38 -18.35
C ASP B 256 5.06 -8.83 -17.89
N PHE B 257 3.89 -9.42 -17.64
CA PHE B 257 3.86 -10.80 -17.16
C PHE B 257 4.50 -11.76 -18.17
N VAL B 258 4.15 -11.63 -19.45
CA VAL B 258 4.70 -12.53 -20.45
C VAL B 258 6.22 -12.45 -20.47
N LYS B 259 6.76 -11.23 -20.34
CA LYS B 259 8.20 -11.07 -20.35
C LYS B 259 8.84 -11.67 -19.10
N LEU B 260 8.20 -11.51 -17.95
CA LEU B 260 8.71 -12.14 -16.74
C LEU B 260 8.73 -13.65 -16.86
N ARG B 261 7.61 -14.24 -17.29
CA ARG B 261 7.54 -15.69 -17.45
C ARG B 261 8.57 -16.18 -18.46
N GLU B 262 8.77 -15.41 -19.54
CA GLU B 262 9.75 -15.78 -20.55
C GLU B 262 11.16 -15.75 -19.98
N MET B 263 11.54 -14.64 -19.36
CA MET B 263 12.92 -14.49 -18.89
C MET B 263 13.22 -15.41 -17.71
N LEU B 264 12.28 -15.53 -16.77
CA LEU B 264 12.55 -16.28 -15.55
C LEU B 264 12.48 -17.79 -15.75
N ILE B 265 11.47 -18.25 -16.50
CA ILE B 265 11.14 -19.66 -16.55
C ILE B 265 11.54 -20.30 -17.87
N ARG B 266 11.23 -19.66 -18.99
CA ARG B 266 11.41 -20.30 -20.29
C ARG B 266 12.84 -20.18 -20.80
N VAL B 267 13.59 -19.17 -20.38
CA VAL B 267 14.89 -18.90 -20.99
C VAL B 267 16.04 -19.10 -20.01
N ASN B 268 16.07 -18.31 -18.94
CA ASN B 268 17.28 -18.13 -18.16
C ASN B 268 17.31 -18.94 -16.87
N MET B 269 16.55 -20.05 -16.80
CA MET B 269 16.53 -20.85 -15.58
C MET B 269 17.91 -21.42 -15.28
N GLU B 270 18.61 -21.92 -16.30
CA GLU B 270 19.93 -22.49 -16.08
C GLU B 270 20.94 -21.42 -15.69
N ASP B 271 20.84 -20.23 -16.29
CA ASP B 271 21.79 -19.17 -15.95
C ASP B 271 21.59 -18.69 -14.52
N LEU B 272 20.34 -18.59 -14.07
CA LEU B 272 20.08 -18.20 -12.69
C LEU B 272 20.67 -19.20 -11.71
N ARG B 273 20.55 -20.51 -12.02
CA ARG B 273 21.19 -21.52 -11.19
C ARG B 273 22.70 -21.38 -11.19
N GLU B 274 23.29 -21.11 -12.36
CA GLU B 274 24.74 -21.07 -12.46
C GLU B 274 25.31 -19.84 -11.77
N GLN B 275 24.65 -18.69 -11.91
CA GLN B 275 25.07 -17.49 -11.18
C GLN B 275 24.96 -17.70 -9.68
N THR B 276 23.92 -18.41 -9.24
CA THR B 276 23.82 -18.76 -7.83
C THR B 276 25.03 -19.56 -7.38
N HIS B 277 25.45 -20.55 -8.18
CA HIS B 277 26.54 -21.43 -7.78
C HIS B 277 27.89 -20.75 -7.90
N THR B 278 28.14 -20.04 -9.00
CA THR B 278 29.48 -19.54 -9.28
C THR B 278 29.75 -18.17 -8.70
N ARG B 279 28.71 -17.43 -8.30
CA ARG B 279 28.89 -16.10 -7.74
C ARG B 279 28.42 -16.03 -6.30
N HIS B 280 27.12 -16.18 -6.04
CA HIS B 280 26.60 -15.98 -4.69
C HIS B 280 27.08 -17.07 -3.74
N TYR B 281 26.94 -18.35 -4.13
CA TYR B 281 27.42 -19.42 -3.27
C TYR B 281 28.93 -19.35 -3.07
N GLU B 282 29.68 -18.98 -4.13
CA GLU B 282 31.12 -18.90 -4.01
C GLU B 282 31.55 -17.82 -3.02
N LEU B 283 30.81 -16.72 -2.95
CA LEU B 283 31.12 -15.67 -1.98
C LEU B 283 30.94 -16.20 -0.56
N TYR B 284 29.84 -16.92 -0.31
CA TYR B 284 29.64 -17.54 1.00
C TYR B 284 30.74 -18.56 1.29
N ARG B 285 31.04 -19.42 0.31
CA ARG B 285 32.04 -20.48 0.52
C ARG B 285 33.40 -19.90 0.85
N ARG B 286 33.75 -18.76 0.25
CA ARG B 286 35.04 -18.14 0.52
C ARG B 286 35.25 -17.83 2.00
N CYS B 287 34.18 -17.82 2.79
CA CYS B 287 34.27 -17.66 4.24
C CYS B 287 33.21 -18.47 4.96
PB GDP C . 0.59 10.68 -1.47
O1B GDP C . 0.25 12.15 -1.33
O2B GDP C . 2.06 10.42 -1.23
O3B GDP C . -0.18 9.83 -0.48
O3A GDP C . 0.22 10.14 -2.93
PA GDP C . 0.15 11.05 -4.27
O1A GDP C . -1.09 11.91 -4.31
O2A GDP C . 1.43 11.82 -4.48
O5' GDP C . 0.04 9.90 -5.38
C5' GDP C . 1.15 9.04 -5.63
C4' GDP C . 0.91 8.31 -6.95
O4' GDP C . -0.39 7.72 -6.92
C3' GDP C . 0.90 9.29 -8.12
O3' GDP C . 1.53 8.66 -9.24
C2' GDP C . -0.56 9.52 -8.40
O2' GDP C . -0.79 9.88 -9.76
C1' GDP C . -1.15 8.17 -8.04
N9 GDP C . -2.58 8.26 -7.65
C8 GDP C . -3.21 9.30 -7.06
N7 GDP C . -4.51 8.99 -6.83
C5 GDP C . -4.71 7.73 -7.24
C6 GDP C . -5.83 6.75 -7.30
O6 GDP C . -6.97 7.06 -6.87
N1 GDP C . -5.59 5.54 -7.81
C2 GDP C . -4.40 5.16 -8.28
N2 GDP C . -4.25 3.91 -8.78
N3 GDP C . -3.32 5.99 -8.27
C4 GDP C . -3.42 7.25 -7.77
PG GTP D . 0.38 -13.20 1.84
O1G GTP D . 0.48 -14.66 1.48
O2G GTP D . 1.70 -12.65 2.33
O3G GTP D . -0.64 -13.01 2.93
O3B GTP D . -0.12 -12.37 0.56
PB GTP D . 0.34 -12.58 -0.97
O1B GTP D . 0.54 -14.04 -1.33
O2B GTP D . 1.55 -11.75 -1.27
O3A GTP D . -0.87 -11.94 -1.82
PA GTP D . -2.03 -12.80 -2.54
O1A GTP D . -2.76 -13.62 -1.50
O2A GTP D . -1.46 -13.62 -3.68
O5' GTP D . -3.00 -11.67 -3.13
C5' GTP D . -3.77 -10.82 -2.32
C4' GTP D . -4.96 -10.40 -3.17
O4' GTP D . -4.56 -9.34 -4.01
C3' GTP D . -5.44 -11.48 -4.13
O3' GTP D . -6.40 -12.34 -3.56
C2' GTP D . -6.04 -10.69 -5.26
O2' GTP D . -7.37 -10.37 -4.95
C1' GTP D . -5.25 -9.40 -5.24
N9 GTP D . -4.30 -9.40 -6.37
C8 GTP D . -3.47 -10.43 -6.76
N7 GTP D . -2.76 -10.01 -7.84
C5 GTP D . -3.13 -8.74 -8.13
C6 GTP D . -2.73 -7.84 -9.12
O6 GTP D . -1.87 -8.14 -9.95
N1 GTP D . -3.31 -6.58 -9.16
C2 GTP D . -4.26 -6.22 -8.23
N2 GTP D . -4.82 -5.01 -8.26
N3 GTP D . -4.64 -7.12 -7.26
C4 GTP D . -4.09 -8.35 -7.22
MG MG E . 0.39 -15.68 -0.16
#